data_6CUQ
#
_entry.id   6CUQ
#
_cell.length_a   77.610
_cell.length_b   100.060
_cell.length_c   98.400
_cell.angle_alpha   90.000
_cell.angle_beta   90.000
_cell.angle_gamma   90.000
#
_symmetry.space_group_name_H-M   'C 2 2 21'
#
loop_
_entity.id
_entity.type
_entity.pdbx_description
1 polymer 'Macrophage migration inhibitory factor-like protein'
2 non-polymer 1,2-ETHANEDIOL
3 water water
#
_entity_poly.entity_id   1
_entity_poly.type   'polypeptide(L)'
_entity_poly.pdbx_seq_one_letter_code
;MAHHHHHHMPHALITLSADITEEIKKEIAHESMKILSEVIGKPISYCATQVVTSVGGFGGKIVKSAFIDIKSISGLKGKQ
EGLSDRYCKLLEQKAGIEGGNIYLNFTEMTGNNWGYDHSTF
;
_entity_poly.pdbx_strand_id   A,B,C
#
loop_
_chem_comp.id
_chem_comp.type
_chem_comp.name
_chem_comp.formula
EDO non-polymer 1,2-ETHANEDIOL 'C2 H6 O2'
#
# COMPACT_ATOMS: atom_id res chain seq x y z
N HIS A 8 4.56 -16.03 -12.43
CA HIS A 8 4.04 -14.65 -12.45
C HIS A 8 3.94 -14.02 -11.07
N MET A 9 3.64 -14.85 -10.07
CA MET A 9 3.53 -14.43 -8.68
C MET A 9 2.56 -13.26 -8.49
N PRO A 10 1.28 -13.42 -8.85
CA PRO A 10 0.35 -12.30 -8.68
C PRO A 10 0.00 -12.06 -7.22
N HIS A 11 -0.16 -10.79 -6.87
CA HIS A 11 -0.52 -10.40 -5.52
C HIS A 11 -1.56 -9.29 -5.56
N ALA A 12 -2.49 -9.33 -4.62
CA ALA A 12 -3.53 -8.31 -4.50
C ALA A 12 -3.51 -7.76 -3.08
N LEU A 13 -3.23 -6.47 -2.93
CA LEU A 13 -3.37 -5.81 -1.65
C LEU A 13 -4.70 -5.07 -1.68
N ILE A 14 -5.67 -5.58 -0.92
CA ILE A 14 -7.03 -5.05 -0.93
C ILE A 14 -7.21 -4.22 0.32
N THR A 15 -7.35 -2.91 0.15
CA THR A 15 -7.64 -1.97 1.22
C THR A 15 -9.09 -1.52 1.04
N LEU A 16 -9.97 -1.93 1.95
CA LEU A 16 -11.38 -1.60 1.86
C LEU A 16 -11.92 -1.12 3.19
N SER A 17 -12.94 -0.28 3.14
CA SER A 17 -13.45 0.37 4.33
C SER A 17 -14.87 -0.07 4.69
N ALA A 18 -15.24 -1.28 4.31
CA ALA A 18 -16.56 -1.77 4.70
C ALA A 18 -16.53 -2.32 6.11
N ASP A 19 -17.68 -2.24 6.76
CA ASP A 19 -17.89 -2.89 8.06
C ASP A 19 -18.36 -4.32 7.80
N ILE A 20 -17.39 -5.24 7.75
CA ILE A 20 -17.67 -6.63 7.43
C ILE A 20 -17.04 -7.49 8.51
N THR A 21 -17.55 -8.72 8.64
CA THR A 21 -16.99 -9.65 9.60
C THR A 21 -15.61 -10.13 9.14
N GLU A 22 -14.85 -10.68 10.08
CA GLU A 22 -13.57 -11.28 9.74
C GLU A 22 -13.75 -12.44 8.77
N GLU A 23 -14.82 -13.22 8.95
CA GLU A 23 -15.13 -14.30 8.02
C GLU A 23 -15.28 -13.77 6.59
N ILE A 24 -16.03 -12.68 6.43
CA ILE A 24 -16.23 -12.10 5.09
C ILE A 24 -14.90 -11.63 4.52
N LYS A 25 -14.03 -11.07 5.37
CA LYS A 25 -12.69 -10.67 4.91
C LYS A 25 -11.91 -11.87 4.39
N LYS A 26 -11.98 -12.99 5.12
CA LYS A 26 -11.34 -14.21 4.68
C LYS A 26 -11.93 -14.71 3.36
N GLU A 27 -13.25 -14.66 3.21
CA GLU A 27 -13.87 -15.11 1.97
C GLU A 27 -13.42 -14.23 0.81
N ILE A 28 -13.27 -12.93 1.06
CA ILE A 28 -12.78 -12.00 0.05
C ILE A 28 -11.36 -12.37 -0.36
N ALA A 29 -10.50 -12.66 0.63
CA ALA A 29 -9.13 -13.09 0.33
C ALA A 29 -9.13 -14.38 -0.48
N HIS A 30 -9.96 -15.34 -0.09
CA HIS A 30 -10.07 -16.58 -0.84
C HIS A 30 -10.51 -16.34 -2.28
N GLU A 31 -11.61 -15.61 -2.47
CA GLU A 31 -12.11 -15.37 -3.82
C GLU A 31 -11.11 -14.57 -4.65
N SER A 32 -10.41 -13.63 -4.00
CA SER A 32 -9.38 -12.85 -4.68
C SER A 32 -8.29 -13.73 -5.27
N MET A 33 -7.83 -14.72 -4.51
CA MET A 33 -6.81 -15.60 -5.04
C MET A 33 -7.37 -16.45 -6.17
N LYS A 34 -8.62 -16.90 -6.05
CA LYS A 34 -9.25 -17.60 -7.16
C LYS A 34 -9.34 -16.69 -8.39
N ILE A 35 -9.75 -15.44 -8.19
CA ILE A 35 -9.85 -14.50 -9.31
C ILE A 35 -8.50 -14.33 -10.00
N LEU A 36 -7.44 -14.14 -9.22
CA LEU A 36 -6.10 -14.00 -9.77
C LEU A 36 -5.73 -15.20 -10.61
N SER A 37 -5.96 -16.41 -10.10
CA SER A 37 -5.57 -17.61 -10.83
C SER A 37 -6.37 -17.78 -12.11
N GLU A 38 -7.69 -17.52 -12.06
CA GLU A 38 -8.53 -17.79 -13.22
C GLU A 38 -8.27 -16.78 -14.33
N VAL A 39 -8.08 -15.51 -13.99
CA VAL A 39 -7.94 -14.48 -15.02
C VAL A 39 -6.49 -14.33 -15.47
N ILE A 40 -5.53 -14.29 -14.54
CA ILE A 40 -4.13 -14.19 -14.96
C ILE A 40 -3.60 -15.52 -15.46
N GLY A 41 -4.23 -16.63 -15.08
CA GLY A 41 -3.95 -17.94 -15.65
C GLY A 41 -2.87 -18.75 -14.98
N LYS A 42 -2.40 -18.37 -13.79
CA LYS A 42 -1.33 -19.12 -13.15
C LYS A 42 -1.93 -20.05 -12.12
N PRO A 43 -1.17 -21.05 -11.64
CA PRO A 43 -1.69 -21.90 -10.56
C PRO A 43 -1.87 -21.12 -9.28
N ILE A 44 -2.94 -21.43 -8.56
CA ILE A 44 -3.35 -20.62 -7.43
C ILE A 44 -2.32 -20.69 -6.31
N SER A 45 -1.45 -21.70 -6.34
CA SER A 45 -0.45 -21.85 -5.29
C SER A 45 0.50 -20.66 -5.24
N TYR A 46 0.58 -19.89 -6.32
CA TYR A 46 1.44 -18.70 -6.35
C TYR A 46 0.65 -17.39 -6.31
N CYS A 47 -0.68 -17.47 -6.13
CA CYS A 47 -1.50 -16.27 -6.00
C CYS A 47 -1.66 -15.89 -4.53
N ALA A 48 -1.58 -14.59 -4.26
CA ALA A 48 -1.57 -14.12 -2.87
C ALA A 48 -2.44 -12.87 -2.74
N THR A 49 -2.94 -12.65 -1.53
CA THR A 49 -3.82 -11.51 -1.29
C THR A 49 -3.77 -11.14 0.19
N GLN A 50 -3.72 -9.84 0.46
CA GLN A 50 -3.87 -9.27 1.79
C GLN A 50 -5.04 -8.31 1.78
N VAL A 51 -5.93 -8.45 2.77
CA VAL A 51 -7.11 -7.60 2.93
C VAL A 51 -6.87 -6.69 4.14
N VAL A 52 -6.90 -5.37 3.92
CA VAL A 52 -6.62 -4.41 4.97
C VAL A 52 -7.87 -3.54 5.18
N THR A 53 -8.32 -3.46 6.42
CA THR A 53 -9.46 -2.65 6.81
C THR A 53 -9.04 -1.19 6.95
N SER A 54 -9.76 -0.30 6.28
CA SER A 54 -9.44 1.12 6.31
C SER A 54 -10.67 1.95 6.66
N VAL A 55 -10.42 3.25 6.82
CA VAL A 55 -11.46 4.26 6.83
C VAL A 55 -11.33 5.00 5.51
N GLY A 56 -12.42 5.09 4.76
CA GLY A 56 -12.31 5.44 3.37
C GLY A 56 -13.36 6.41 2.87
N GLY A 57 -13.00 7.06 1.78
CA GLY A 57 -13.88 8.01 1.16
C GLY A 57 -13.70 7.99 -0.35
N PHE A 58 -14.73 8.48 -1.02
CA PHE A 58 -14.75 8.58 -2.46
C PHE A 58 -15.56 9.83 -2.77
N GLY A 59 -15.06 10.68 -3.66
CA GLY A 59 -15.80 11.86 -4.03
C GLY A 59 -16.14 12.80 -2.89
N GLY A 60 -15.24 12.95 -1.93
CA GLY A 60 -15.48 13.83 -0.80
C GLY A 60 -16.39 13.27 0.27
N LYS A 61 -16.99 12.10 0.06
CA LYS A 61 -17.90 11.53 1.04
C LYS A 61 -17.26 10.32 1.71
N ILE A 62 -17.61 10.10 2.97
CA ILE A 62 -17.22 8.87 3.66
C ILE A 62 -18.23 7.79 3.27
N VAL A 63 -17.75 6.77 2.55
CA VAL A 63 -18.61 5.71 2.06
C VAL A 63 -17.76 4.45 1.94
N LYS A 64 -18.40 3.29 2.08
CA LYS A 64 -17.68 2.03 1.89
C LYS A 64 -17.09 2.02 0.50
N SER A 65 -15.80 1.73 0.43
CA SER A 65 -15.04 1.88 -0.78
C SER A 65 -13.78 1.03 -0.67
N ALA A 66 -13.04 0.96 -1.77
CA ALA A 66 -11.85 0.12 -1.74
C ALA A 66 -10.83 0.63 -2.74
N PHE A 67 -9.60 0.20 -2.51
CA PHE A 67 -8.48 0.34 -3.42
C PHE A 67 -7.77 -1.00 -3.47
N ILE A 68 -7.56 -1.52 -4.68
CA ILE A 68 -7.06 -2.86 -4.91
C ILE A 68 -5.76 -2.73 -5.69
N ASP A 69 -4.65 -3.09 -5.07
CA ASP A 69 -3.32 -2.96 -5.66
C ASP A 69 -2.87 -4.33 -6.16
N ILE A 70 -2.91 -4.52 -7.47
CA ILE A 70 -2.52 -5.77 -8.12
C ILE A 70 -1.10 -5.62 -8.66
N LYS A 71 -0.22 -6.55 -8.30
CA LYS A 71 1.18 -6.50 -8.70
C LYS A 71 1.64 -7.92 -9.06
N SER A 72 2.51 -8.03 -10.06
CA SER A 72 2.98 -9.35 -10.47
C SER A 72 4.25 -9.22 -11.30
N ILE A 73 4.87 -10.37 -11.58
CA ILE A 73 6.04 -10.44 -12.48
C ILE A 73 5.48 -10.66 -13.88
N SER A 74 4.99 -9.57 -14.47
CA SER A 74 4.32 -9.57 -15.77
C SER A 74 3.05 -10.41 -15.73
N GLY A 75 2.38 -10.58 -16.87
CA GLY A 75 1.12 -11.29 -16.94
C GLY A 75 -0.15 -10.47 -16.82
N LEU A 76 -0.05 -9.15 -16.71
CA LEU A 76 -1.22 -8.29 -16.57
C LEU A 76 -1.68 -7.67 -17.89
N LYS A 77 -0.77 -7.42 -18.84
CA LYS A 77 -1.09 -6.77 -20.11
C LYS A 77 -2.32 -7.36 -20.79
N GLY A 78 -3.39 -6.57 -20.86
CA GLY A 78 -4.63 -6.99 -21.48
C GLY A 78 -5.64 -7.58 -20.51
N LYS A 79 -5.22 -8.05 -19.35
CA LYS A 79 -6.09 -8.69 -18.39
C LYS A 79 -6.67 -7.70 -17.37
N GLN A 80 -6.33 -6.42 -17.46
CA GLN A 80 -6.79 -5.46 -16.47
C GLN A 80 -8.31 -5.34 -16.45
N GLU A 81 -8.94 -5.32 -17.63
CA GLU A 81 -10.39 -5.17 -17.65
C GLU A 81 -11.07 -6.35 -16.94
N GLY A 82 -10.68 -7.58 -17.29
CA GLY A 82 -11.30 -8.74 -16.67
C GLY A 82 -11.13 -8.77 -15.17
N LEU A 83 -9.96 -8.35 -14.68
CA LEU A 83 -9.70 -8.32 -13.24
C LEU A 83 -10.57 -7.30 -12.54
N SER A 84 -10.75 -6.12 -13.15
CA SER A 84 -11.60 -5.09 -12.54
C SER A 84 -13.02 -5.58 -12.40
N ASP A 85 -13.55 -6.22 -13.46
CA ASP A 85 -14.94 -6.69 -13.45
C ASP A 85 -15.12 -7.78 -12.39
N ARG A 86 -14.13 -8.65 -12.23
CA ARG A 86 -14.27 -9.71 -11.24
C ARG A 86 -14.20 -9.13 -9.83
N TYR A 87 -13.22 -8.26 -9.57
CA TYR A 87 -13.08 -7.71 -8.24
C TYR A 87 -14.26 -6.82 -7.87
N CYS A 88 -14.74 -6.02 -8.81
CA CYS A 88 -15.88 -5.15 -8.50
C CYS A 88 -17.11 -5.97 -8.20
N LYS A 89 -17.32 -7.08 -8.92
CA LYS A 89 -18.44 -7.96 -8.61
C LYS A 89 -18.26 -8.63 -7.25
N LEU A 90 -17.02 -8.98 -6.91
CA LEU A 90 -16.76 -9.62 -5.62
C LEU A 90 -17.05 -8.67 -4.46
N LEU A 91 -16.46 -7.49 -4.49
CA LEU A 91 -16.69 -6.54 -3.40
C LEU A 91 -18.13 -6.07 -3.38
N GLU A 92 -18.79 -6.02 -4.53
CA GLU A 92 -20.21 -5.77 -4.52
C GLU A 92 -20.94 -6.91 -3.82
N GLN A 93 -20.57 -8.14 -4.15
CA GLN A 93 -21.27 -9.31 -3.63
C GLN A 93 -21.04 -9.51 -2.13
N LYS A 94 -19.80 -9.33 -1.65
CA LYS A 94 -19.47 -9.68 -0.27
C LYS A 94 -19.57 -8.50 0.70
N ALA A 95 -19.41 -7.27 0.21
CA ALA A 95 -19.36 -6.12 1.09
C ALA A 95 -20.32 -5.01 0.69
N GLY A 96 -21.06 -5.17 -0.40
CA GLY A 96 -21.98 -4.14 -0.83
C GLY A 96 -21.33 -2.87 -1.30
N ILE A 97 -20.08 -2.92 -1.76
CA ILE A 97 -19.38 -1.74 -2.25
C ILE A 97 -19.73 -1.51 -3.72
N GLU A 98 -20.09 -0.28 -4.04
CA GLU A 98 -20.50 0.07 -5.39
C GLU A 98 -19.30 0.11 -6.33
N GLY A 99 -19.54 -0.24 -7.60
CA GLY A 99 -18.46 -0.21 -8.57
C GLY A 99 -17.84 1.16 -8.70
N GLY A 100 -18.65 2.21 -8.57
CA GLY A 100 -18.20 3.59 -8.61
C GLY A 100 -17.40 4.06 -7.41
N ASN A 101 -17.18 3.18 -6.43
CA ASN A 101 -16.39 3.47 -5.24
C ASN A 101 -15.22 2.51 -5.10
N ILE A 102 -14.75 1.92 -6.20
CA ILE A 102 -13.60 1.02 -6.18
C ILE A 102 -12.58 1.48 -7.23
N TYR A 103 -11.34 1.69 -6.80
CA TYR A 103 -10.23 1.93 -7.71
C TYR A 103 -9.31 0.72 -7.69
N LEU A 104 -8.73 0.42 -8.85
CA LEU A 104 -7.74 -0.65 -8.95
C LEU A 104 -6.48 -0.12 -9.62
N ASN A 105 -5.36 -0.76 -9.28
CA ASN A 105 -4.07 -0.47 -9.90
C ASN A 105 -3.42 -1.79 -10.31
N PHE A 106 -2.78 -1.77 -11.47
CA PHE A 106 -2.08 -2.93 -12.00
C PHE A 106 -0.64 -2.53 -12.28
N THR A 107 0.30 -3.32 -11.78
CA THR A 107 1.73 -2.98 -11.86
C THR A 107 2.52 -4.24 -12.10
N GLU A 108 3.26 -4.28 -13.21
CA GLU A 108 4.16 -5.38 -13.51
C GLU A 108 5.55 -5.07 -12.97
N MET A 109 6.12 -6.02 -12.24
CA MET A 109 7.43 -5.83 -11.63
C MET A 109 8.42 -6.77 -12.29
N THR A 110 9.63 -6.27 -12.51
CA THR A 110 10.69 -7.13 -13.00
C THR A 110 11.13 -8.07 -11.88
N GLY A 111 11.62 -9.24 -12.26
CA GLY A 111 11.95 -10.27 -11.29
C GLY A 111 12.96 -9.83 -10.27
N ASN A 112 13.95 -9.03 -10.70
CA ASN A 112 15.00 -8.57 -9.80
C ASN A 112 14.44 -7.81 -8.60
N ASN A 113 13.30 -7.14 -8.78
CA ASN A 113 12.63 -6.41 -7.71
C ASN A 113 11.48 -7.22 -7.10
N TRP A 114 11.58 -8.54 -7.11
CA TRP A 114 10.53 -9.37 -6.53
C TRP A 114 11.13 -10.37 -5.56
N GLY A 115 10.77 -10.24 -4.29
CA GLY A 115 11.31 -11.10 -3.25
C GLY A 115 10.32 -12.18 -2.85
N TYR A 116 10.85 -13.36 -2.57
CA TYR A 116 10.06 -14.53 -2.17
C TYR A 116 11.00 -15.56 -1.58
N ASP A 117 10.74 -15.98 -0.35
CA ASP A 117 11.50 -17.04 0.33
C ASP A 117 13.01 -16.76 0.30
N HIS A 118 13.39 -15.62 0.88
CA HIS A 118 14.77 -15.20 1.10
C HIS A 118 15.54 -14.83 -0.16
N SER A 119 14.92 -14.86 -1.35
CA SER A 119 15.66 -14.58 -2.57
C SER A 119 14.83 -13.67 -3.47
N THR A 120 15.34 -13.46 -4.68
CA THR A 120 14.68 -12.63 -5.68
C THR A 120 14.56 -13.42 -6.98
N PHE A 121 14.05 -12.79 -8.02
CA PHE A 121 13.99 -13.44 -9.33
C PHE A 121 14.94 -12.74 -10.32
N HIS B 5 -10.66 19.87 -17.23
CA HIS B 5 -10.96 19.45 -18.60
C HIS B 5 -10.30 18.11 -18.94
N HIS B 6 -9.42 17.61 -18.07
CA HIS B 6 -8.73 16.34 -18.29
C HIS B 6 -8.84 15.49 -17.03
N HIS B 7 -9.22 14.23 -17.19
CA HIS B 7 -9.55 13.34 -16.07
C HIS B 7 -8.28 12.67 -15.52
N HIS B 8 -8.05 12.80 -14.20
CA HIS B 8 -6.81 12.40 -13.54
C HIS B 8 -6.96 11.26 -12.52
N MET B 9 -8.12 11.14 -11.87
CA MET B 9 -8.43 10.07 -10.94
C MET B 9 -7.42 9.93 -9.79
N PRO B 10 -7.25 10.96 -8.97
CA PRO B 10 -6.26 10.88 -7.89
C PRO B 10 -6.70 10.02 -6.71
N HIS B 11 -5.72 9.32 -6.11
CA HIS B 11 -5.96 8.48 -4.94
C HIS B 11 -4.83 8.64 -3.93
N ALA B 12 -5.19 8.67 -2.65
CA ALA B 12 -4.22 8.75 -1.56
C ALA B 12 -4.50 7.62 -0.58
N LEU B 13 -3.52 6.73 -0.42
CA LEU B 13 -3.53 5.70 0.60
C LEU B 13 -2.63 6.20 1.72
N ILE B 14 -3.23 6.54 2.85
CA ILE B 14 -2.55 7.11 4.00
C ILE B 14 -2.42 6.01 5.04
N THR B 15 -1.19 5.62 5.32
CA THR B 15 -0.87 4.64 6.35
C THR B 15 -0.23 5.44 7.48
N LEU B 16 -0.91 5.53 8.61
CA LEU B 16 -0.38 6.35 9.69
C LEU B 16 -0.49 5.60 11.01
N SER B 17 0.40 5.95 11.94
CA SER B 17 0.53 5.24 13.20
C SER B 17 0.21 6.11 14.42
N ALA B 18 -0.62 7.12 14.27
CA ALA B 18 -1.03 7.91 15.42
C ALA B 18 -2.19 7.23 16.14
N ASP B 19 -2.31 7.51 17.43
CA ASP B 19 -3.43 7.07 18.25
C ASP B 19 -4.55 8.11 18.11
N ILE B 20 -5.48 7.88 17.16
CA ILE B 20 -6.54 8.84 16.87
C ILE B 20 -7.91 8.16 16.78
N THR B 21 -8.97 8.96 16.98
CA THR B 21 -10.32 8.43 16.88
C THR B 21 -10.69 8.13 15.42
N GLU B 22 -11.71 7.27 15.27
CA GLU B 22 -12.25 6.99 13.95
C GLU B 22 -12.78 8.27 13.28
N GLU B 23 -13.44 9.14 14.06
CA GLU B 23 -13.92 10.41 13.49
C GLU B 23 -12.78 11.22 12.87
N ILE B 24 -11.64 11.33 13.58
CA ILE B 24 -10.50 12.08 13.06
C ILE B 24 -9.98 11.42 11.78
N LYS B 25 -9.99 10.09 11.73
CA LYS B 25 -9.62 9.40 10.49
C LYS B 25 -10.57 9.77 9.35
N LYS B 26 -11.87 9.85 9.63
CA LYS B 26 -12.80 10.30 8.59
C LYS B 26 -12.45 11.72 8.16
N GLU B 27 -12.13 12.60 9.12
CA GLU B 27 -11.80 13.97 8.75
C GLU B 27 -10.55 14.01 7.89
N ILE B 28 -9.58 13.15 8.19
CA ILE B 28 -8.37 13.05 7.38
C ILE B 28 -8.72 12.60 5.95
N ALA B 29 -9.52 11.54 5.83
CA ALA B 29 -9.92 11.09 4.49
C ALA B 29 -10.66 12.19 3.73
N HIS B 30 -11.58 12.88 4.41
CA HIS B 30 -12.32 13.96 3.78
C HIS B 30 -11.40 15.08 3.30
N GLU B 31 -10.54 15.59 4.19
CA GLU B 31 -9.64 16.67 3.83
C GLU B 31 -8.65 16.22 2.75
N SER B 32 -8.22 14.96 2.80
CA SER B 32 -7.32 14.44 1.77
C SER B 32 -7.95 14.54 0.40
N MET B 33 -9.23 14.16 0.29
CA MET B 33 -9.90 14.25 -1.00
C MET B 33 -10.05 15.70 -1.44
N LYS B 34 -10.35 16.61 -0.52
CA LYS B 34 -10.38 18.03 -0.89
C LYS B 34 -9.01 18.49 -1.39
N ILE B 35 -7.94 18.10 -0.68
CA ILE B 35 -6.58 18.49 -1.07
C ILE B 35 -6.26 18.00 -2.47
N LEU B 36 -6.54 16.71 -2.72
CA LEU B 36 -6.30 16.12 -4.03
C LEU B 36 -7.02 16.91 -5.11
N SER B 37 -8.32 17.19 -4.89
CA SER B 37 -9.11 17.87 -5.89
C SER B 37 -8.63 19.30 -6.13
N GLU B 38 -8.29 20.01 -5.05
CA GLU B 38 -7.88 21.41 -5.20
C GLU B 38 -6.52 21.53 -5.86
N VAL B 39 -5.59 20.63 -5.53
CA VAL B 39 -4.23 20.75 -6.04
C VAL B 39 -4.05 20.06 -7.39
N ILE B 40 -4.54 18.82 -7.54
CA ILE B 40 -4.42 18.18 -8.85
C ILE B 40 -5.43 18.74 -9.85
N GLY B 41 -6.48 19.40 -9.39
CA GLY B 41 -7.35 20.17 -10.27
C GLY B 41 -8.51 19.43 -10.91
N LYS B 42 -8.88 18.27 -10.42
CA LYS B 42 -9.94 17.47 -11.00
C LYS B 42 -11.23 17.68 -10.23
N PRO B 43 -12.38 17.22 -10.76
CA PRO B 43 -13.61 17.22 -9.95
C PRO B 43 -13.46 16.25 -8.79
N ILE B 44 -13.96 16.67 -7.62
CA ILE B 44 -13.70 15.89 -6.41
C ILE B 44 -14.40 14.54 -6.44
N SER B 45 -15.42 14.38 -7.28
CA SER B 45 -16.12 13.11 -7.37
C SER B 45 -15.21 11.98 -7.81
N TYR B 46 -14.04 12.29 -8.37
CA TYR B 46 -13.10 11.27 -8.77
C TYR B 46 -11.92 11.13 -7.81
N CYS B 47 -11.88 11.90 -6.73
CA CYS B 47 -10.81 11.78 -5.73
C CYS B 47 -11.22 10.82 -4.63
N ALA B 48 -10.28 9.97 -4.22
CA ALA B 48 -10.56 8.91 -3.26
C ALA B 48 -9.40 8.81 -2.28
N THR B 49 -9.70 8.27 -1.10
CA THR B 49 -8.71 8.15 -0.04
C THR B 49 -9.09 7.02 0.92
N GLN B 50 -8.08 6.24 1.29
CA GLN B 50 -8.17 5.21 2.32
C GLN B 50 -7.15 5.52 3.40
N VAL B 51 -7.59 5.51 4.66
CA VAL B 51 -6.74 5.78 5.82
C VAL B 51 -6.52 4.47 6.56
N VAL B 52 -5.26 4.07 6.72
CA VAL B 52 -4.92 2.77 7.30
C VAL B 52 -4.13 3.00 8.59
N THR B 53 -4.59 2.41 9.68
CA THR B 53 -3.90 2.51 10.96
C THR B 53 -2.77 1.51 11.06
N SER B 54 -1.58 1.99 11.37
CA SER B 54 -0.40 1.14 11.41
C SER B 54 0.33 1.28 12.75
N VAL B 55 1.37 0.46 12.92
CA VAL B 55 2.42 0.64 13.91
C VAL B 55 3.65 1.08 13.16
N GLY B 56 4.27 2.19 13.58
CA GLY B 56 5.23 2.86 12.73
C GLY B 56 6.44 3.37 13.46
N GLY B 57 7.50 3.57 12.68
CA GLY B 57 8.73 4.10 13.22
C GLY B 57 9.44 4.98 12.22
N PHE B 58 10.30 5.83 12.75
CA PHE B 58 11.07 6.73 11.93
C PHE B 58 12.42 6.93 12.60
N GLY B 59 13.49 6.79 11.82
CA GLY B 59 14.81 6.97 12.38
C GLY B 59 15.18 6.01 13.49
N GLY B 60 14.75 4.76 13.38
CA GLY B 60 15.02 3.77 14.39
C GLY B 60 14.16 3.86 15.64
N LYS B 61 13.37 4.91 15.78
CA LYS B 61 12.53 5.11 16.96
C LYS B 61 11.07 4.86 16.62
N ILE B 62 10.32 4.38 17.61
CA ILE B 62 8.87 4.20 17.47
C ILE B 62 8.18 5.53 17.77
N VAL B 63 7.53 6.13 16.77
CA VAL B 63 6.97 7.47 16.91
C VAL B 63 5.79 7.64 15.96
N LYS B 64 4.93 8.63 16.26
CA LYS B 64 3.85 8.98 15.34
C LYS B 64 4.43 9.29 13.98
N SER B 65 3.92 8.61 12.96
CA SER B 65 4.52 8.71 11.64
C SER B 65 3.47 8.31 10.62
N ALA B 66 3.82 8.48 9.36
CA ALA B 66 2.88 8.17 8.29
C ALA B 66 3.68 7.89 7.02
N PHE B 67 3.00 7.22 6.10
CA PHE B 67 3.45 7.06 4.72
C PHE B 67 2.23 7.31 3.84
N ILE B 68 2.37 8.21 2.87
CA ILE B 68 1.22 8.66 2.06
C ILE B 68 1.54 8.33 0.61
N ASP B 69 0.75 7.41 0.03
CA ASP B 69 0.98 6.90 -1.31
C ASP B 69 -0.01 7.59 -2.24
N ILE B 70 0.46 8.56 -3.02
CA ILE B 70 -0.37 9.32 -3.95
C ILE B 70 -0.20 8.74 -5.35
N LYS B 71 -1.33 8.42 -5.99
CA LYS B 71 -1.33 7.81 -7.30
C LYS B 71 -2.42 8.44 -8.15
N SER B 72 -2.15 8.59 -9.45
CA SER B 72 -3.11 9.18 -10.36
C SER B 72 -2.73 8.85 -11.80
N ILE B 73 -3.63 9.17 -12.72
CA ILE B 73 -3.36 9.04 -14.16
C ILE B 73 -2.81 10.40 -14.60
N SER B 74 -1.52 10.63 -14.34
CA SER B 74 -0.87 11.91 -14.59
C SER B 74 -1.48 13.03 -13.75
N GLY B 75 -1.00 14.26 -13.93
CA GLY B 75 -1.42 15.39 -13.10
C GLY B 75 -0.58 15.63 -11.87
N LEU B 76 0.51 14.89 -11.68
CA LEU B 76 1.37 15.04 -10.52
C LEU B 76 2.59 15.91 -10.77
N LYS B 77 3.17 15.84 -11.96
CA LYS B 77 4.38 16.58 -12.33
C LYS B 77 4.26 18.05 -11.94
N GLY B 78 5.09 18.51 -11.00
CA GLY B 78 5.08 19.89 -10.58
C GLY B 78 4.20 20.19 -9.40
N LYS B 79 3.26 19.31 -9.08
CA LYS B 79 2.35 19.48 -7.97
C LYS B 79 2.82 18.77 -6.70
N GLN B 80 3.93 18.02 -6.76
CA GLN B 80 4.35 17.21 -5.60
C GLN B 80 4.68 18.06 -4.39
N GLU B 81 5.34 19.20 -4.58
CA GLU B 81 5.70 20.02 -3.43
C GLU B 81 4.45 20.52 -2.71
N GLY B 82 3.50 21.10 -3.45
CA GLY B 82 2.28 21.58 -2.82
C GLY B 82 1.53 20.47 -2.12
N LEU B 83 1.53 19.28 -2.71
CA LEU B 83 0.86 18.15 -2.06
C LEU B 83 1.58 17.75 -0.77
N SER B 84 2.92 17.74 -0.78
CA SER B 84 3.65 17.40 0.43
C SER B 84 3.34 18.38 1.55
N ASP B 85 3.29 19.68 1.23
CA ASP B 85 3.02 20.69 2.25
C ASP B 85 1.63 20.54 2.84
N ARG B 86 0.62 20.31 2.00
CA ARG B 86 -0.75 20.26 2.50
C ARG B 86 -1.01 18.99 3.32
N TYR B 87 -0.50 17.85 2.88
CA TYR B 87 -0.67 16.61 3.66
C TYR B 87 0.07 16.67 4.98
N CYS B 88 1.28 17.25 4.99
CA CYS B 88 2.02 17.34 6.24
C CYS B 88 1.33 18.30 7.22
N LYS B 89 0.75 19.38 6.69
CA LYS B 89 -0.01 20.28 7.55
C LYS B 89 -1.27 19.61 8.07
N LEU B 90 -1.89 18.76 7.23
CA LEU B 90 -3.09 18.05 7.64
C LEU B 90 -2.81 17.03 8.75
N LEU B 91 -1.83 16.14 8.56
CA LEU B 91 -1.55 15.12 9.57
C LEU B 91 -0.99 15.74 10.85
N GLU B 92 -0.29 16.85 10.73
CA GLU B 92 0.11 17.57 11.94
C GLU B 92 -1.10 18.13 12.68
N GLN B 93 -2.03 18.73 11.96
CA GLN B 93 -3.16 19.39 12.63
C GLN B 93 -4.08 18.36 13.28
N LYS B 94 -4.33 17.25 12.60
CA LYS B 94 -5.31 16.27 13.07
C LYS B 94 -4.71 15.15 13.93
N ALA B 95 -3.44 14.80 13.72
CA ALA B 95 -2.86 13.64 14.41
C ALA B 95 -1.56 13.95 15.14
N GLY B 96 -1.06 15.17 15.09
CA GLY B 96 0.15 15.55 15.77
C GLY B 96 1.41 14.92 15.25
N ILE B 97 1.41 14.49 13.99
CA ILE B 97 2.57 13.85 13.39
C ILE B 97 3.48 14.93 12.84
N GLU B 98 4.78 14.82 13.16
CA GLU B 98 5.74 15.81 12.72
C GLU B 98 6.03 15.66 11.23
N GLY B 99 6.38 16.78 10.60
CA GLY B 99 6.74 16.74 9.19
C GLY B 99 7.93 15.82 8.93
N GLY B 100 8.89 15.79 9.86
CA GLY B 100 10.03 14.90 9.73
C GLY B 100 9.73 13.43 9.94
N ASN B 101 8.49 13.06 10.22
CA ASN B 101 8.10 11.66 10.39
C ASN B 101 7.02 11.25 9.39
N ILE B 102 6.96 11.92 8.25
CA ILE B 102 6.02 11.61 7.18
C ILE B 102 6.78 11.46 5.88
N TYR B 103 6.62 10.31 5.22
CA TYR B 103 7.12 10.13 3.86
C TYR B 103 5.95 10.07 2.88
N LEU B 104 6.17 10.58 1.68
CA LEU B 104 5.18 10.52 0.62
C LEU B 104 5.81 9.96 -0.65
N ASN B 105 4.96 9.33 -1.46
CA ASN B 105 5.33 8.80 -2.76
C ASN B 105 4.33 9.25 -3.80
N PHE B 106 4.81 9.58 -4.99
CA PHE B 106 3.98 10.04 -6.10
C PHE B 106 4.22 9.15 -7.30
N THR B 107 3.13 8.67 -7.89
CA THR B 107 3.22 7.66 -8.95
C THR B 107 2.15 7.98 -9.98
N GLU B 108 2.57 8.23 -11.21
CA GLU B 108 1.65 8.42 -12.33
C GLU B 108 1.45 7.10 -13.06
N MET B 109 0.19 6.72 -13.27
CA MET B 109 -0.18 5.46 -13.87
C MET B 109 -0.77 5.70 -15.26
N THR B 110 -0.45 4.80 -16.19
CA THR B 110 -1.12 4.82 -17.48
C THR B 110 -2.55 4.31 -17.31
N GLY B 111 -3.43 4.79 -18.19
CA GLY B 111 -4.85 4.49 -18.07
C GLY B 111 -5.17 3.02 -18.13
N ASN B 112 -4.48 2.26 -18.98
CA ASN B 112 -4.71 0.82 -19.08
C ASN B 112 -4.41 0.08 -17.78
N ASN B 113 -3.57 0.65 -16.91
CA ASN B 113 -3.34 0.10 -15.57
C ASN B 113 -4.19 0.78 -14.50
N TRP B 114 -5.37 1.28 -14.85
CA TRP B 114 -6.26 1.90 -13.88
C TRP B 114 -7.66 1.33 -14.03
N GLY B 115 -8.15 0.66 -12.98
CA GLY B 115 -9.45 0.04 -13.00
C GLY B 115 -10.50 0.84 -12.24
N TYR B 116 -11.74 0.80 -12.72
CA TYR B 116 -12.81 1.54 -12.07
C TYR B 116 -14.18 1.08 -12.55
N ASP B 117 -15.05 0.67 -11.62
CA ASP B 117 -16.42 0.29 -11.94
C ASP B 117 -16.47 -0.74 -13.07
N HIS B 118 -15.81 -1.88 -12.80
CA HIS B 118 -15.78 -3.08 -13.64
C HIS B 118 -14.97 -2.94 -14.93
N SER B 119 -14.35 -1.79 -15.20
CA SER B 119 -13.62 -1.63 -16.45
C SER B 119 -12.30 -0.92 -16.16
N THR B 120 -11.59 -0.57 -17.23
CA THR B 120 -10.30 0.10 -17.18
C THR B 120 -10.38 1.35 -18.03
N PHE B 121 -9.30 2.13 -18.07
CA PHE B 121 -9.26 3.34 -18.88
C PHE B 121 -8.30 3.18 -20.06
N HIS C 7 21.70 10.24 0.22
CA HIS C 7 20.38 10.42 0.81
C HIS C 7 19.34 9.50 0.14
N HIS C 8 19.13 8.31 0.71
CA HIS C 8 18.30 7.26 0.09
C HIS C 8 16.86 7.21 0.57
N MET C 9 16.59 7.58 1.82
CA MET C 9 15.23 7.61 2.37
C MET C 9 14.52 6.27 2.20
N PRO C 10 15.06 5.18 2.72
CA PRO C 10 14.39 3.89 2.53
C PRO C 10 13.14 3.79 3.39
N HIS C 11 12.12 3.12 2.84
CA HIS C 11 10.87 2.92 3.56
C HIS C 11 10.36 1.50 3.32
N ALA C 12 9.82 0.91 4.38
CA ALA C 12 9.27 -0.44 4.32
C ALA C 12 7.85 -0.38 4.85
N LEU C 13 6.89 -0.71 3.99
CA LEU C 13 5.51 -0.88 4.39
C LEU C 13 5.28 -2.38 4.49
N ILE C 14 5.07 -2.87 5.70
CA ILE C 14 4.94 -4.30 5.95
C ILE C 14 3.48 -4.60 6.23
N THR C 15 2.86 -5.37 5.36
CA THR C 15 1.49 -5.84 5.53
C THR C 15 1.55 -7.32 5.85
N LEU C 16 1.19 -7.70 7.09
CA LEU C 16 1.28 -9.09 7.51
C LEU C 16 0.02 -9.48 8.27
N SER C 17 -0.32 -10.77 8.23
CA SER C 17 -1.59 -11.26 8.77
C SER C 17 -1.37 -12.22 9.93
N ALA C 18 -0.30 -12.05 10.69
CA ALA C 18 -0.08 -12.88 11.87
C ALA C 18 -0.84 -12.32 13.08
N ASP C 19 -1.19 -13.21 14.00
CA ASP C 19 -1.77 -12.85 15.29
C ASP C 19 -0.62 -12.59 16.26
N ILE C 20 -0.20 -11.32 16.36
CA ILE C 20 0.95 -10.94 17.15
C ILE C 20 0.60 -9.76 18.05
N THR C 21 1.38 -9.58 19.11
CA THR C 21 1.15 -8.47 20.02
C THR C 21 1.55 -7.15 19.38
N GLU C 22 1.04 -6.05 19.95
CA GLU C 22 1.47 -4.74 19.54
C GLU C 22 2.96 -4.53 19.83
N GLU C 23 3.43 -5.07 20.95
CA GLU C 23 4.86 -4.98 21.25
C GLU C 23 5.69 -5.64 20.15
N ILE C 24 5.27 -6.84 19.69
CA ILE C 24 6.02 -7.53 18.65
C ILE C 24 6.03 -6.72 17.36
N LYS C 25 4.91 -6.08 17.04
CA LYS C 25 4.85 -5.22 15.85
C LYS C 25 5.85 -4.07 15.94
N LYS C 26 5.96 -3.44 17.11
CA LYS C 26 6.98 -2.42 17.29
C LYS C 26 8.38 -2.99 17.09
N GLU C 27 8.61 -4.21 17.57
CA GLU C 27 9.93 -4.83 17.41
C GLU C 27 10.23 -5.09 15.95
N ILE C 28 9.21 -5.49 15.18
CA ILE C 28 9.39 -5.68 13.75
C ILE C 28 9.75 -4.37 13.08
N ALA C 29 8.99 -3.31 13.38
CA ALA C 29 9.31 -2.00 12.83
C ALA C 29 10.71 -1.54 13.22
N HIS C 30 11.07 -1.73 14.50
CA HIS C 30 12.39 -1.35 14.97
C HIS C 30 13.47 -2.10 14.20
N GLU C 31 13.33 -3.42 14.08
CA GLU C 31 14.30 -4.22 13.36
C GLU C 31 14.29 -3.87 11.87
N SER C 32 13.11 -3.59 11.33
CA SER C 32 13.01 -3.26 9.91
C SER C 32 13.89 -2.06 9.57
N MET C 33 13.86 -1.02 10.38
CA MET C 33 14.66 0.17 10.10
C MET C 33 16.16 -0.14 10.20
N LYS C 34 16.54 -1.00 11.15
CA LYS C 34 17.91 -1.44 11.25
C LYS C 34 18.34 -2.21 9.99
N ILE C 35 17.46 -3.10 9.49
CA ILE C 35 17.75 -3.83 8.27
C ILE C 35 17.93 -2.88 7.11
N LEU C 36 17.05 -1.89 7.01
CA LEU C 36 17.19 -0.88 5.96
C LEU C 36 18.51 -0.17 6.10
N SER C 37 18.84 0.27 7.31
CA SER C 37 20.08 1.00 7.51
C SER C 37 21.29 0.12 7.22
N GLU C 38 21.26 -1.13 7.66
CA GLU C 38 22.44 -1.98 7.49
C GLU C 38 22.65 -2.41 6.04
N VAL C 39 21.58 -2.78 5.34
CA VAL C 39 21.75 -3.37 4.00
C VAL C 39 21.84 -2.32 2.92
N ILE C 40 21.00 -1.27 2.95
CA ILE C 40 21.14 -0.22 1.96
C ILE C 40 22.34 0.66 2.27
N GLY C 41 22.84 0.58 3.50
CA GLY C 41 24.09 1.22 3.86
C GLY C 41 23.98 2.64 4.33
N LYS C 42 22.78 3.09 4.66
CA LYS C 42 22.48 4.46 5.06
C LYS C 42 22.39 4.58 6.57
N PRO C 43 22.43 5.82 7.09
CA PRO C 43 22.14 6.04 8.52
C PRO C 43 20.66 5.83 8.83
N ILE C 44 20.39 5.27 10.01
CA ILE C 44 19.04 4.84 10.35
C ILE C 44 18.09 6.01 10.54
N SER C 45 18.61 7.23 10.73
CA SER C 45 17.75 8.37 11.02
C SER C 45 16.74 8.67 9.91
N TYR C 46 16.97 8.19 8.68
CA TYR C 46 16.04 8.36 7.57
C TYR C 46 15.40 7.05 7.15
N CYS C 47 15.57 5.99 7.93
CA CYS C 47 14.88 4.73 7.65
C CYS C 47 13.53 4.75 8.37
N ALA C 48 12.49 4.28 7.69
CA ALA C 48 11.13 4.38 8.20
C ALA C 48 10.39 3.09 7.91
N THR C 49 9.38 2.81 8.73
CA THR C 49 8.64 1.56 8.58
C THR C 49 7.24 1.70 9.18
N GLN C 50 6.26 1.13 8.48
CA GLN C 50 4.90 0.97 8.96
C GLN C 50 4.52 -0.50 8.93
N VAL C 51 3.98 -1.00 10.04
CA VAL C 51 3.51 -2.38 10.17
C VAL C 51 2.00 -2.35 10.18
N VAL C 52 1.37 -3.03 9.21
CA VAL C 52 -0.07 -3.00 9.01
C VAL C 52 -0.61 -4.42 9.18
N THR C 53 -1.61 -4.57 10.06
CA THR C 53 -2.22 -5.87 10.27
C THR C 53 -3.31 -6.13 9.22
N SER C 54 -3.24 -7.31 8.59
CA SER C 54 -4.14 -7.68 7.52
C SER C 54 -4.75 -9.06 7.78
N VAL C 55 -5.68 -9.43 6.92
CA VAL C 55 -6.13 -10.81 6.76
C VAL C 55 -5.60 -11.30 5.42
N GLY C 56 -4.91 -12.45 5.43
CA GLY C 56 -4.09 -12.82 4.30
C GLY C 56 -4.23 -14.28 3.94
N GLY C 57 -3.84 -14.56 2.71
CA GLY C 57 -3.87 -15.91 2.20
C GLY C 57 -2.76 -16.15 1.22
N PHE C 58 -2.46 -17.43 1.03
CA PHE C 58 -1.45 -17.83 0.07
C PHE C 58 -1.91 -19.17 -0.49
N GLY C 59 -1.91 -19.30 -1.82
CA GLY C 59 -2.36 -20.55 -2.43
C GLY C 59 -3.81 -20.89 -2.17
N GLY C 60 -4.69 -19.90 -2.12
CA GLY C 60 -6.11 -20.12 -1.90
C GLY C 60 -6.51 -20.41 -0.46
N LYS C 61 -5.56 -20.59 0.45
CA LYS C 61 -5.83 -20.89 1.85
C LYS C 61 -5.50 -19.70 2.73
N ILE C 62 -6.23 -19.57 3.84
CA ILE C 62 -5.95 -18.54 4.84
C ILE C 62 -4.83 -19.01 5.77
N VAL C 63 -3.71 -18.31 5.75
CA VAL C 63 -2.52 -18.67 6.51
C VAL C 63 -1.75 -17.39 6.80
N LYS C 64 -0.93 -17.42 7.86
CA LYS C 64 -0.09 -16.26 8.14
C LYS C 64 0.86 -16.01 6.98
N SER C 65 0.87 -14.78 6.51
CA SER C 65 1.57 -14.41 5.29
C SER C 65 1.88 -12.93 5.39
N ALA C 66 2.62 -12.44 4.39
CA ALA C 66 3.01 -11.04 4.43
C ALA C 66 3.28 -10.55 3.02
N PHE C 67 3.20 -9.23 2.87
CA PHE C 67 3.65 -8.52 1.69
C PHE C 67 4.42 -7.31 2.19
N ILE C 68 5.61 -7.11 1.64
CA ILE C 68 6.56 -6.10 2.11
C ILE C 68 6.87 -5.18 0.93
N ASP C 69 6.49 -3.92 1.04
CA ASP C 69 6.69 -2.93 -0.01
C ASP C 69 7.89 -2.07 0.39
N ILE C 70 9.03 -2.31 -0.27
CA ILE C 70 10.27 -1.60 0.01
C ILE C 70 10.46 -0.51 -1.04
N LYS C 71 10.66 0.73 -0.60
CA LYS C 71 10.77 1.85 -1.52
C LYS C 71 11.83 2.83 -1.05
N SER C 72 12.57 3.39 -1.99
CA SER C 72 13.60 4.38 -1.69
C SER C 72 13.95 5.13 -2.97
N ILE C 73 14.74 6.18 -2.80
CA ILE C 73 15.24 6.96 -3.94
C ILE C 73 16.54 6.28 -4.37
N SER C 74 16.39 5.18 -5.11
CA SER C 74 17.51 4.33 -5.53
C SER C 74 18.24 3.78 -4.32
N GLY C 75 19.35 3.09 -4.56
CA GLY C 75 20.05 2.43 -3.48
C GLY C 75 19.61 1.01 -3.25
N LEU C 76 18.66 0.52 -4.06
CA LEU C 76 18.15 -0.84 -3.98
C LEU C 76 18.81 -1.79 -4.96
N LYS C 77 19.22 -1.29 -6.13
CA LYS C 77 19.82 -2.10 -7.18
C LYS C 77 20.92 -2.98 -6.61
N GLY C 78 20.71 -4.29 -6.62
CA GLY C 78 21.67 -5.27 -6.13
C GLY C 78 21.48 -5.69 -4.69
N LYS C 79 20.78 -4.91 -3.89
CA LYS C 79 20.59 -5.23 -2.48
C LYS C 79 19.32 -6.03 -2.23
N GLN C 80 18.50 -6.28 -3.27
CA GLN C 80 17.20 -6.93 -3.07
C GLN C 80 17.35 -8.34 -2.51
N GLU C 81 18.33 -9.10 -3.01
CA GLU C 81 18.55 -10.45 -2.53
C GLU C 81 18.80 -10.45 -1.04
N GLY C 82 19.75 -9.62 -0.61
CA GLY C 82 20.04 -9.52 0.81
C GLY C 82 18.86 -9.02 1.62
N LEU C 83 18.10 -8.08 1.07
CA LEU C 83 16.96 -7.55 1.80
C LEU C 83 15.88 -8.60 2.03
N SER C 84 15.59 -9.42 1.01
CA SER C 84 14.60 -10.48 1.17
C SER C 84 14.99 -11.46 2.26
N ASP C 85 16.28 -11.81 2.31
CA ASP C 85 16.75 -12.77 3.29
C ASP C 85 16.56 -12.28 4.72
N ARG C 86 16.85 -11.01 4.97
CA ARG C 86 16.74 -10.49 6.33
C ARG C 86 15.28 -10.37 6.76
N TYR C 87 14.40 -9.86 5.88
CA TYR C 87 13.00 -9.72 6.23
C TYR C 87 12.32 -11.07 6.43
N CYS C 88 12.65 -12.05 5.58
CA CYS C 88 12.04 -13.36 5.72
C CYS C 88 12.45 -14.01 7.04
N LYS C 89 13.72 -13.83 7.43
CA LYS C 89 14.17 -14.32 8.73
C LYS C 89 13.55 -13.52 9.86
N LEU C 90 13.38 -12.21 9.67
CA LEU C 90 12.76 -11.39 10.70
C LEU C 90 11.32 -11.84 10.94
N LEU C 91 10.54 -11.94 9.87
CA LEU C 91 9.13 -12.34 10.03
C LEU C 91 8.98 -13.79 10.48
N GLU C 92 9.91 -14.67 10.12
CA GLU C 92 9.88 -16.02 10.66
C GLU C 92 10.14 -16.01 12.15
N GLN C 93 11.16 -15.25 12.57
CA GLN C 93 11.59 -15.25 13.96
C GLN C 93 10.58 -14.53 14.87
N LYS C 94 10.02 -13.39 14.43
CA LYS C 94 9.14 -12.60 15.30
C LYS C 94 7.67 -12.95 15.15
N ALA C 95 7.26 -13.47 13.99
CA ALA C 95 5.85 -13.72 13.73
C ALA C 95 5.55 -15.14 13.26
N GLY C 96 6.57 -15.98 13.10
CA GLY C 96 6.37 -17.34 12.67
C GLY C 96 5.87 -17.52 11.24
N ILE C 97 6.10 -16.53 10.37
CA ILE C 97 5.64 -16.59 8.99
C ILE C 97 6.68 -17.32 8.16
N GLU C 98 6.23 -18.29 7.38
CA GLU C 98 7.15 -19.08 6.57
C GLU C 98 7.66 -18.26 5.40
N GLY C 99 8.90 -18.55 4.98
CA GLY C 99 9.47 -17.86 3.84
C GLY C 99 8.64 -18.01 2.58
N GLY C 100 8.01 -19.16 2.41
CA GLY C 100 7.14 -19.40 1.27
C GLY C 100 5.80 -18.67 1.30
N ASN C 101 5.53 -17.86 2.32
CA ASN C 101 4.30 -17.08 2.38
C ASN C 101 4.60 -15.60 2.49
N ILE C 102 5.75 -15.17 1.96
CA ILE C 102 6.15 -13.77 1.99
C ILE C 102 6.51 -13.34 0.58
N TYR C 103 5.87 -12.29 0.09
CA TYR C 103 6.27 -11.62 -1.14
C TYR C 103 6.87 -10.27 -0.79
N LEU C 104 7.87 -9.85 -1.56
CA LEU C 104 8.47 -8.53 -1.39
C LEU C 104 8.50 -7.81 -2.74
N ASN C 105 8.45 -6.48 -2.68
CA ASN C 105 8.55 -5.63 -3.86
C ASN C 105 9.57 -4.51 -3.61
N PHE C 106 10.33 -4.18 -4.64
CA PHE C 106 11.35 -3.14 -4.57
C PHE C 106 11.11 -2.11 -5.65
N THR C 107 11.13 -0.83 -5.26
CA THR C 107 10.76 0.27 -6.14
C THR C 107 11.72 1.43 -5.87
N GLU C 108 12.45 1.86 -6.90
CA GLU C 108 13.28 3.04 -6.81
C GLU C 108 12.48 4.24 -7.32
N MET C 109 12.41 5.29 -6.52
CA MET C 109 11.62 6.46 -6.87
C MET C 109 12.56 7.61 -7.16
N THR C 110 12.22 8.40 -8.16
CA THR C 110 12.98 9.62 -8.38
C THR C 110 12.64 10.60 -7.26
N GLY C 111 13.61 11.47 -6.96
CA GLY C 111 13.47 12.36 -5.82
C GLY C 111 12.25 13.25 -5.94
N ASN C 112 11.99 13.78 -7.14
CA ASN C 112 10.84 14.66 -7.32
C ASN C 112 9.54 13.97 -6.95
N ASN C 113 9.48 12.65 -7.07
CA ASN C 113 8.33 11.87 -6.59
C ASN C 113 8.53 11.31 -5.18
N TRP C 114 9.32 11.99 -4.35
CA TRP C 114 9.54 11.60 -2.96
C TRP C 114 9.31 12.80 -2.06
N GLY C 115 8.29 12.73 -1.22
CA GLY C 115 7.92 13.81 -0.33
C GLY C 115 8.34 13.55 1.11
N TYR C 116 8.72 14.63 1.80
CA TYR C 116 9.18 14.57 3.17
C TYR C 116 9.22 15.94 3.82
N ASP C 117 8.57 16.08 4.98
CA ASP C 117 8.63 17.30 5.80
C ASP C 117 8.25 18.54 4.98
N HIS C 118 7.04 18.51 4.43
CA HIS C 118 6.38 19.58 3.69
C HIS C 118 7.00 19.85 2.33
N SER C 119 8.04 19.11 1.93
CA SER C 119 8.71 19.38 0.67
C SER C 119 9.01 18.06 -0.03
N THR C 120 9.79 18.17 -1.10
CA THR C 120 10.18 17.08 -1.98
C THR C 120 11.71 17.09 -2.14
N PHE C 121 12.23 16.12 -2.89
CA PHE C 121 13.67 16.07 -3.15
C PHE C 121 13.99 16.33 -4.61
C1 EDO D . -10.02 2.88 17.85
O1 EDO D . -10.06 4.21 17.31
C2 EDO D . -8.74 2.71 18.66
O2 EDO D . -8.68 3.71 19.70
#